data_1WKQ
#
_entry.id   1WKQ
#
_cell.length_a   81.566
_cell.length_b   91.267
_cell.length_c   80.481
_cell.angle_alpha   90.00
_cell.angle_beta   90.00
_cell.angle_gamma   90.00
#
_symmetry.space_group_name_H-M   'C 2 2 21'
#
loop_
_entity.id
_entity.type
_entity.pdbx_description
1 polymer 'Guanine deaminase'
2 non-polymer 'ZINC ION'
3 non-polymer IMIDAZOLE
4 water water
#
_entity_poly.entity_id   1
_entity_poly.type   'polypeptide(L)'
_entity_poly.pdbx_seq_one_letter_code
;MHHHHHHAMNHETFLKRAVTLACEGVNAGIGGPFGAVIVKDGAIIAEGQNNVTTSNDPTAHAEVTAIRKACKVLGAYQLD
DCILYTSCEPCPMCLGAIYWARPKAVFYAAEHTDAAEAGFDDSFIYKEIDKPAEERTIPFYQVTLTEHLSPFQAWRNFAN
KKEY
;
_entity_poly.pdbx_strand_id   A,B
#
loop_
_chem_comp.id
_chem_comp.type
_chem_comp.name
_chem_comp.formula
IMD non-polymer IMIDAZOLE 'C3 H5 N2 1'
ZN non-polymer 'ZINC ION' 'Zn 2'
#
# COMPACT_ATOMS: atom_id res chain seq x y z
N HIS A 7 5.53 30.03 18.18
CA HIS A 7 6.52 29.22 17.44
C HIS A 7 6.05 28.97 16.01
N ALA A 8 6.71 29.62 15.06
CA ALA A 8 6.37 29.45 13.67
C ALA A 8 6.72 28.02 13.25
N MET A 9 5.88 27.39 12.45
CA MET A 9 6.16 26.03 11.97
C MET A 9 6.58 26.10 10.51
N ASN A 10 7.27 25.07 10.06
CA ASN A 10 7.63 24.98 8.66
C ASN A 10 7.69 23.50 8.28
N HIS A 11 7.97 23.23 7.02
CA HIS A 11 7.98 21.83 6.60
C HIS A 11 9.03 21.02 7.34
N GLU A 12 10.18 21.63 7.59
CA GLU A 12 11.24 20.91 8.26
C GLU A 12 10.82 20.50 9.65
N THR A 13 10.02 21.31 10.34
CA THR A 13 9.62 20.94 11.68
C THR A 13 8.72 19.71 11.68
N PHE A 14 7.79 19.59 10.74
CA PHE A 14 6.97 18.40 10.69
C PHE A 14 7.79 17.20 10.28
N LEU A 15 8.73 17.40 9.36
CA LEU A 15 9.62 16.29 8.94
C LEU A 15 10.49 15.85 10.10
N LYS A 16 10.96 16.78 10.92
CA LYS A 16 11.78 16.36 12.06
C LYS A 16 10.93 15.51 12.99
N ARG A 17 9.64 15.82 13.15
CA ARG A 17 8.80 14.99 14.00
C ARG A 17 8.71 13.57 13.39
N ALA A 18 8.60 13.48 12.08
CA ALA A 18 8.55 12.18 11.41
C ALA A 18 9.86 11.41 11.64
N VAL A 19 11.00 12.09 11.57
CA VAL A 19 12.29 11.45 11.82
C VAL A 19 12.38 10.99 13.29
N THR A 20 11.91 11.81 14.23
CA THR A 20 11.89 11.40 15.64
C THR A 20 11.03 10.16 15.81
N LEU A 21 9.87 10.13 15.16
CA LEU A 21 8.99 8.98 15.27
C LEU A 21 9.68 7.72 14.74
N ALA A 22 10.44 7.87 13.66
CA ALA A 22 11.18 6.75 13.08
C ALA A 22 12.23 6.22 14.07
N CYS A 23 13.00 7.10 14.68
CA CYS A 23 14.00 6.67 15.66
C CYS A 23 13.37 6.03 16.88
N GLU A 24 12.33 6.66 17.41
CA GLU A 24 11.68 6.14 18.60
C GLU A 24 10.90 4.88 18.34
N GLY A 25 10.40 4.70 17.11
CA GLY A 25 9.71 3.46 16.74
C GLY A 25 10.70 2.30 16.71
N VAL A 26 11.88 2.53 16.17
CA VAL A 26 12.92 1.50 16.21
C VAL A 26 13.27 1.19 17.68
N ASN A 27 13.56 2.23 18.47
CA ASN A 27 14.06 1.99 19.84
C ASN A 27 13.04 1.43 20.81
N ALA A 28 11.76 1.64 20.54
CA ALA A 28 10.71 1.08 21.38
C ALA A 28 10.27 -0.30 20.86
N GLY A 29 10.96 -0.81 19.84
CA GLY A 29 10.62 -2.13 19.32
C GLY A 29 9.35 -2.19 18.50
N ILE A 30 8.80 -1.06 18.07
CA ILE A 30 7.57 -1.03 17.30
C ILE A 30 7.80 -1.55 15.87
N GLY A 31 8.88 -1.14 15.24
CA GLY A 31 9.12 -1.63 13.90
C GLY A 31 10.34 -0.98 13.30
N GLY A 32 10.27 -0.75 11.98
CA GLY A 32 11.38 -0.22 11.20
C GLY A 32 11.63 1.27 11.34
N PRO A 33 12.74 1.71 10.76
CA PRO A 33 13.21 3.12 10.83
C PRO A 33 12.50 4.10 9.97
N PHE A 34 11.19 4.19 10.16
CA PHE A 34 10.32 5.04 9.33
C PHE A 34 9.17 5.60 10.18
N GLY A 35 8.91 6.89 9.99
CA GLY A 35 7.84 7.58 10.70
C GLY A 35 7.16 8.55 9.73
N ALA A 36 5.93 8.96 10.05
CA ALA A 36 5.17 9.85 9.17
C ALA A 36 4.14 10.61 9.97
N VAL A 37 3.81 11.80 9.51
CA VAL A 37 2.76 12.56 10.18
C VAL A 37 1.88 13.19 9.11
N ILE A 38 0.60 13.33 9.44
CA ILE A 38 -0.37 13.98 8.54
C ILE A 38 -0.84 15.26 9.21
N VAL A 39 -0.78 16.34 8.43
CA VAL A 39 -1.07 17.68 8.95
C VAL A 39 -2.26 18.25 8.20
N LYS A 40 -3.14 18.90 8.96
CA LYS A 40 -4.32 19.56 8.40
C LYS A 40 -4.50 20.84 9.20
N ASP A 41 -4.75 21.94 8.52
CA ASP A 41 -4.95 23.22 9.20
C ASP A 41 -3.74 23.55 10.12
N GLY A 42 -2.54 23.19 9.69
CA GLY A 42 -1.34 23.51 10.45
C GLY A 42 -1.07 22.71 11.70
N ALA A 43 -1.84 21.66 11.91
CA ALA A 43 -1.67 20.81 13.07
C ALA A 43 -1.60 19.33 12.67
N ILE A 44 -0.83 18.59 13.46
CA ILE A 44 -0.73 17.14 13.22
C ILE A 44 -2.05 16.49 13.64
N ILE A 45 -2.66 15.72 12.73
CA ILE A 45 -3.88 15.02 13.07
C ILE A 45 -3.66 13.51 13.21
N ALA A 46 -2.53 12.99 12.74
CA ALA A 46 -2.23 11.55 12.92
C ALA A 46 -0.75 11.34 12.73
N GLU A 47 -0.23 10.34 13.43
CA GLU A 47 1.17 9.95 13.34
C GLU A 47 1.27 8.46 13.06
N GLY A 48 2.30 8.04 12.31
CA GLY A 48 2.49 6.63 12.08
C GLY A 48 3.95 6.26 12.20
N GLN A 49 4.19 5.06 12.71
CA GLN A 49 5.52 4.46 12.79
C GLN A 49 5.44 3.11 12.07
N ASN A 50 6.49 2.70 11.34
CA ASN A 50 6.45 1.36 10.76
C ASN A 50 6.22 0.34 11.89
N ASN A 51 5.25 -0.57 11.69
CA ASN A 51 4.93 -1.55 12.71
C ASN A 51 4.65 -2.91 12.09
N VAL A 52 5.34 -3.22 10.99
CA VAL A 52 5.16 -4.47 10.28
C VAL A 52 5.31 -5.72 11.15
N THR A 53 6.42 -5.83 11.85
CA THR A 53 6.69 -7.08 12.56
C THR A 53 5.97 -7.21 13.88
N THR A 54 5.53 -6.12 14.47
CA THR A 54 4.77 -6.20 15.73
C THR A 54 3.27 -6.36 15.46
N SER A 55 2.78 -5.95 14.28
CA SER A 55 1.36 -6.08 13.96
C SER A 55 1.11 -7.25 13.00
N ASN A 56 2.15 -7.98 12.62
CA ASN A 56 2.01 -9.07 11.63
C ASN A 56 1.28 -8.54 10.37
N ASP A 57 1.79 -7.44 9.86
CA ASP A 57 1.13 -6.77 8.73
C ASP A 57 2.19 -6.11 7.86
N PRO A 58 2.55 -6.76 6.75
CA PRO A 58 3.58 -6.18 5.86
C PRO A 58 3.16 -4.89 5.19
N THR A 59 1.87 -4.52 5.32
CA THR A 59 1.44 -3.24 4.76
C THR A 59 1.55 -2.12 5.76
N ALA A 60 1.91 -2.42 7.00
CA ALA A 60 1.95 -1.41 8.06
C ALA A 60 3.18 -0.50 8.08
N HIS A 61 3.45 0.10 6.93
CA HIS A 61 4.51 1.09 6.82
C HIS A 61 4.04 2.35 7.56
N ALA A 62 5.01 3.21 7.87
CA ALA A 62 4.67 4.46 8.57
C ALA A 62 3.60 5.25 7.83
N GLU A 63 3.75 5.41 6.53
CA GLU A 63 2.80 6.21 5.75
C GLU A 63 1.42 5.60 5.73
N VAL A 64 1.35 4.28 5.49
CA VAL A 64 0.05 3.59 5.49
C VAL A 64 -0.63 3.71 6.84
N THR A 65 0.12 3.50 7.91
CA THR A 65 -0.48 3.60 9.24
C THR A 65 -0.99 5.02 9.51
N ALA A 66 -0.20 6.03 9.16
CA ALA A 66 -0.65 7.40 9.36
C ALA A 66 -1.89 7.70 8.52
N ILE A 67 -1.94 7.25 7.28
CA ILE A 67 -3.11 7.47 6.44
C ILE A 67 -4.33 6.80 7.04
N ARG A 68 -4.20 5.55 7.48
CA ARG A 68 -5.33 4.86 8.08
C ARG A 68 -5.85 5.58 9.31
N LYS A 69 -4.94 6.03 10.16
CA LYS A 69 -5.34 6.72 11.36
C LYS A 69 -6.00 8.06 11.07
N ALA A 70 -5.46 8.81 10.12
CA ALA A 70 -6.03 10.10 9.78
C ALA A 70 -7.42 9.93 9.20
N CYS A 71 -7.62 8.91 8.36
CA CYS A 71 -8.95 8.68 7.81
C CYS A 71 -9.93 8.35 8.93
N LYS A 72 -9.52 7.58 9.94
CA LYS A 72 -10.43 7.29 11.05
C LYS A 72 -10.75 8.56 11.82
N VAL A 73 -9.76 9.41 12.04
CA VAL A 73 -9.99 10.67 12.75
C VAL A 73 -11.00 11.54 12.00
N LEU A 74 -10.88 11.62 10.69
CA LEU A 74 -11.74 12.43 9.84
C LEU A 74 -13.06 11.78 9.48
N GLY A 75 -13.20 10.48 9.76
CA GLY A 75 -14.40 9.75 9.36
C GLY A 75 -14.60 9.81 7.85
N ALA A 76 -13.51 9.58 7.10
CA ALA A 76 -13.51 9.68 5.64
C ALA A 76 -12.54 8.67 5.02
N TYR A 77 -12.58 8.54 3.71
CA TYR A 77 -11.62 7.67 3.04
C TYR A 77 -10.70 8.48 2.14
N GLN A 78 -10.74 9.81 2.30
CA GLN A 78 -9.88 10.75 1.56
C GLN A 78 -9.25 11.72 2.55
N LEU A 79 -8.09 12.26 2.16
CA LEU A 79 -7.34 13.20 3.03
C LEU A 79 -7.34 14.59 2.46
N ASP A 80 -8.57 15.10 2.29
CA ASP A 80 -8.80 16.45 1.79
C ASP A 80 -8.01 17.49 2.56
N ASP A 81 -7.27 18.26 1.82
CA ASP A 81 -6.50 19.39 2.36
C ASP A 81 -5.46 19.00 3.39
N CYS A 82 -5.02 17.75 3.38
CA CYS A 82 -3.96 17.30 4.28
C CYS A 82 -2.63 17.27 3.53
N ILE A 83 -1.55 17.36 4.31
CA ILE A 83 -0.19 17.20 3.78
C ILE A 83 0.44 16.04 4.57
N LEU A 84 1.16 15.19 3.85
CA LEU A 84 1.83 14.06 4.47
C LEU A 84 3.34 14.32 4.53
N TYR A 85 3.92 14.12 5.70
CA TYR A 85 5.36 14.28 5.94
C TYR A 85 5.90 12.92 6.30
N THR A 86 6.96 12.48 5.66
CA THR A 86 7.52 11.14 5.92
C THR A 86 9.04 11.18 6.02
N SER A 87 9.56 10.39 6.95
CA SER A 87 10.99 10.40 7.18
C SER A 87 11.80 9.92 6.00
N CYS A 88 11.21 9.07 5.16
CA CYS A 88 11.89 8.61 3.97
C CYS A 88 10.91 8.65 2.80
N GLU A 89 11.44 8.87 1.59
CA GLU A 89 10.64 8.87 0.37
C GLU A 89 9.75 7.62 0.37
N PRO A 90 8.47 7.76 0.03
CA PRO A 90 7.57 6.60 0.03
C PRO A 90 8.04 5.51 -0.93
N CYS A 91 7.94 4.26 -0.48
CA CYS A 91 8.19 3.11 -1.33
C CYS A 91 6.97 3.01 -2.32
N PRO A 92 6.99 2.06 -3.25
CA PRO A 92 5.87 1.98 -4.21
C PRO A 92 4.51 1.72 -3.55
N MET A 93 4.50 0.88 -2.50
CA MET A 93 3.25 0.63 -1.82
C MET A 93 2.67 1.93 -1.24
N CYS A 94 3.53 2.69 -0.57
CA CYS A 94 3.09 3.92 0.09
C CYS A 94 2.78 5.04 -0.92
N LEU A 95 3.55 5.11 -2.01
CA LEU A 95 3.24 6.08 -3.07
C LEU A 95 1.82 5.75 -3.58
N GLY A 96 1.52 4.48 -3.79
CA GLY A 96 0.18 4.11 -4.23
C GLY A 96 -0.87 4.49 -3.19
N ALA A 97 -0.61 4.19 -1.92
CA ALA A 97 -1.54 4.55 -0.86
C ALA A 97 -1.80 6.05 -0.86
N ILE A 98 -0.75 6.85 -1.05
CA ILE A 98 -0.90 8.31 -1.10
C ILE A 98 -1.86 8.70 -2.24
N TYR A 99 -1.65 8.12 -3.43
CA TYR A 99 -2.52 8.42 -4.55
C TYR A 99 -3.94 7.95 -4.34
N TRP A 100 -4.19 6.90 -3.56
CA TRP A 100 -5.57 6.50 -3.28
C TRP A 100 -6.20 7.37 -2.19
N ALA A 101 -5.39 7.90 -1.27
CA ALA A 101 -5.90 8.76 -0.18
C ALA A 101 -6.08 10.21 -0.59
N ARG A 102 -5.29 10.65 -1.54
CA ARG A 102 -5.35 11.98 -2.11
C ARG A 102 -5.10 13.19 -1.22
N PRO A 103 -4.00 13.20 -0.47
CA PRO A 103 -3.69 14.41 0.32
C PRO A 103 -3.20 15.39 -0.78
N LYS A 104 -2.91 16.63 -0.39
CA LYS A 104 -2.47 17.64 -1.36
C LYS A 104 -1.01 17.54 -1.78
N ALA A 105 -0.13 17.08 -0.88
CA ALA A 105 1.30 17.09 -1.16
C ALA A 105 1.98 16.17 -0.18
N VAL A 106 3.22 15.79 -0.55
CA VAL A 106 4.04 14.94 0.27
C VAL A 106 5.42 15.59 0.41
N PHE A 107 5.96 15.58 1.63
CA PHE A 107 7.32 16.06 1.89
C PHE A 107 8.07 14.89 2.51
N TYR A 108 9.33 14.68 2.10
CA TYR A 108 10.10 13.59 2.65
C TYR A 108 11.53 14.04 2.85
N ALA A 109 12.24 13.34 3.74
CA ALA A 109 13.63 13.68 4.05
C ALA A 109 14.61 12.73 3.37
N ALA A 110 14.83 11.53 3.92
CA ALA A 110 15.70 10.56 3.30
C ALA A 110 15.06 10.05 1.99
N GLU A 111 15.90 9.45 1.15
CA GLU A 111 15.50 8.97 -0.17
C GLU A 111 15.50 7.47 -0.29
N HIS A 112 14.88 6.94 -1.34
CA HIS A 112 14.77 5.50 -1.48
C HIS A 112 16.13 4.84 -1.45
N THR A 113 17.15 5.52 -1.97
CA THR A 113 18.51 4.98 -1.95
C THR A 113 19.04 4.79 -0.52
N ASP A 114 18.63 5.67 0.40
CA ASP A 114 19.04 5.55 1.80
C ASP A 114 18.38 4.31 2.40
N ALA A 115 17.11 4.06 2.10
CA ALA A 115 16.43 2.86 2.60
C ALA A 115 17.13 1.62 2.00
N ALA A 116 17.47 1.67 0.71
CA ALA A 116 18.13 0.52 0.10
C ALA A 116 19.49 0.25 0.75
N GLU A 117 20.26 1.31 1.00
CA GLU A 117 21.58 1.13 1.61
C GLU A 117 21.44 0.55 3.02
N ALA A 118 20.31 0.81 3.69
CA ALA A 118 20.10 0.24 5.00
C ALA A 118 19.55 -1.20 4.94
N GLY A 119 19.40 -1.73 3.72
CA GLY A 119 18.96 -3.12 3.57
C GLY A 119 17.51 -3.37 3.22
N PHE A 120 16.75 -2.31 2.93
CA PHE A 120 15.32 -2.46 2.60
C PHE A 120 15.11 -2.55 1.11
N ASP A 121 13.99 -3.15 0.73
CA ASP A 121 13.65 -3.39 -0.67
C ASP A 121 13.04 -2.22 -1.44
N ASP A 122 13.01 -1.01 -0.87
CA ASP A 122 12.36 0.10 -1.56
C ASP A 122 12.76 0.30 -3.00
N SER A 123 14.06 0.38 -3.27
CA SER A 123 14.52 0.61 -4.64
C SER A 123 14.25 -0.57 -5.53
N PHE A 124 14.44 -1.75 -4.99
CA PHE A 124 14.20 -2.96 -5.73
C PHE A 124 12.75 -3.03 -6.25
N ILE A 125 11.78 -2.67 -5.41
CA ILE A 125 10.40 -2.75 -5.84
C ILE A 125 10.11 -1.76 -6.97
N TYR A 126 10.67 -0.56 -6.89
CA TYR A 126 10.46 0.38 -7.99
C TYR A 126 10.99 -0.23 -9.29
N LYS A 127 12.14 -0.89 -9.23
CA LYS A 127 12.67 -1.51 -10.44
C LYS A 127 11.79 -2.64 -10.95
N GLU A 128 11.23 -3.42 -10.03
CA GLU A 128 10.38 -4.54 -10.42
C GLU A 128 9.13 -4.12 -11.20
N ILE A 129 8.62 -2.94 -10.90
CA ILE A 129 7.43 -2.47 -11.64
C ILE A 129 7.67 -2.45 -13.15
N ASP A 130 8.89 -2.10 -13.54
CA ASP A 130 9.22 -1.99 -14.96
C ASP A 130 9.57 -3.29 -15.65
N LYS A 131 9.70 -4.37 -14.90
CA LYS A 131 10.01 -5.65 -15.52
C LYS A 131 8.73 -6.28 -16.05
N PRO A 132 8.83 -7.04 -17.16
CA PRO A 132 7.64 -7.69 -17.73
C PRO A 132 7.08 -8.52 -16.59
N ALA A 133 5.76 -8.52 -16.45
CA ALA A 133 5.11 -9.23 -15.36
C ALA A 133 5.58 -10.64 -15.04
N GLU A 134 5.72 -11.50 -16.05
CA GLU A 134 6.12 -12.88 -15.82
C GLU A 134 7.58 -13.09 -15.48
N GLU A 135 8.37 -12.07 -15.74
CA GLU A 135 9.81 -12.10 -15.45
C GLU A 135 10.19 -11.51 -14.09
N ARG A 136 9.20 -11.00 -13.37
CA ARG A 136 9.48 -10.40 -12.07
C ARG A 136 9.96 -11.49 -11.09
N THR A 137 10.70 -11.08 -10.08
CA THR A 137 11.19 -12.02 -9.06
C THR A 137 10.01 -12.72 -8.38
N ILE A 138 8.91 -12.01 -8.17
CA ILE A 138 7.68 -12.64 -7.71
C ILE A 138 6.89 -12.58 -9.02
N PRO A 139 6.80 -13.70 -9.76
CA PRO A 139 6.08 -13.64 -11.04
C PRO A 139 4.61 -13.35 -10.95
N PHE A 140 4.14 -12.52 -11.89
CA PHE A 140 2.72 -12.15 -12.01
C PHE A 140 2.22 -12.76 -13.34
N TYR A 141 1.32 -13.73 -13.24
CA TYR A 141 0.76 -14.44 -14.39
C TYR A 141 -0.65 -14.01 -14.72
N GLN A 142 -0.86 -13.54 -15.94
CA GLN A 142 -2.19 -13.15 -16.35
C GLN A 142 -2.88 -14.37 -16.95
N VAL A 143 -4.12 -14.62 -16.55
CA VAL A 143 -4.88 -15.76 -17.05
C VAL A 143 -6.20 -15.22 -17.60
N THR A 144 -6.52 -15.63 -18.83
CA THR A 144 -7.76 -15.16 -19.45
C THR A 144 -8.97 -15.94 -18.94
N LEU A 145 -9.94 -15.20 -18.40
CA LEU A 145 -11.19 -15.78 -17.93
C LEU A 145 -12.27 -15.02 -18.68
N THR A 146 -13.23 -15.77 -19.22
CA THR A 146 -14.32 -15.14 -19.96
C THR A 146 -15.07 -14.11 -19.12
N GLU A 147 -15.16 -14.35 -17.81
CA GLU A 147 -15.91 -13.47 -16.92
C GLU A 147 -15.06 -12.34 -16.31
N HIS A 148 -13.88 -12.09 -16.87
CA HIS A 148 -13.02 -11.08 -16.24
C HIS A 148 -13.54 -9.67 -16.17
N LEU A 149 -14.50 -9.31 -17.02
CA LEU A 149 -15.05 -7.98 -16.95
C LEU A 149 -16.32 -7.92 -16.11
N SER A 150 -16.83 -9.07 -15.64
CA SER A 150 -18.06 -9.05 -14.86
C SER A 150 -18.06 -8.10 -13.66
N PRO A 151 -16.94 -8.01 -12.91
CA PRO A 151 -16.97 -7.09 -11.76
C PRO A 151 -17.23 -5.63 -12.20
N PHE A 152 -16.57 -5.27 -13.31
CA PHE A 152 -16.72 -3.89 -13.83
C PHE A 152 -18.09 -3.64 -14.38
N GLN A 153 -18.72 -4.68 -14.95
CA GLN A 153 -20.11 -4.54 -15.40
C GLN A 153 -21.01 -4.36 -14.17
N ALA A 154 -20.75 -5.15 -13.12
CA ALA A 154 -21.52 -4.98 -11.88
C ALA A 154 -21.39 -3.55 -11.37
N TRP A 155 -20.15 -3.03 -11.34
CA TRP A 155 -19.90 -1.69 -10.86
C TRP A 155 -20.65 -0.63 -11.68
N ARG A 156 -20.54 -0.72 -13.00
CA ARG A 156 -21.24 0.26 -13.85
C ARG A 156 -22.73 0.24 -13.57
N ASN A 157 -23.29 -0.93 -13.31
CA ASN A 157 -24.72 -1.04 -13.05
C ASN A 157 -25.16 -0.87 -11.62
N PHE A 158 -24.23 -0.64 -10.69
CA PHE A 158 -24.61 -0.51 -9.29
C PHE A 158 -24.91 0.96 -9.02
N ALA A 159 -26.20 1.26 -8.95
CA ALA A 159 -26.66 2.64 -8.78
C ALA A 159 -26.12 3.37 -7.58
N ASN A 160 -26.06 2.71 -6.43
CA ASN A 160 -25.60 3.30 -5.19
C ASN A 160 -24.09 3.21 -4.93
N LYS A 161 -23.31 3.06 -5.98
CA LYS A 161 -21.85 2.97 -5.80
C LYS A 161 -21.27 4.23 -5.20
N LYS A 162 -20.17 4.10 -4.47
CA LYS A 162 -19.46 5.23 -3.91
C LYS A 162 -18.08 5.18 -4.57
N GLU A 163 -17.79 6.15 -5.42
CA GLU A 163 -16.53 6.18 -6.13
C GLU A 163 -15.37 6.49 -5.22
N TYR A 164 -14.20 5.98 -5.60
CA TYR A 164 -12.96 6.21 -4.83
C TYR A 164 -11.77 6.08 -5.74
N ASN B 10 -6.07 -26.02 -10.68
CA ASN B 10 -6.64 -25.29 -9.51
C ASN B 10 -6.39 -23.80 -9.55
N HIS B 11 -5.42 -23.34 -10.33
CA HIS B 11 -5.18 -21.90 -10.42
C HIS B 11 -6.46 -21.24 -10.97
N GLU B 12 -7.06 -21.83 -12.00
CA GLU B 12 -8.30 -21.26 -12.57
C GLU B 12 -9.42 -21.21 -11.53
N THR B 13 -9.61 -22.26 -10.75
CA THR B 13 -10.61 -22.32 -9.70
C THR B 13 -10.46 -21.18 -8.72
N PHE B 14 -9.22 -20.93 -8.30
CA PHE B 14 -9.02 -19.88 -7.30
C PHE B 14 -9.22 -18.49 -7.89
N LEU B 15 -8.80 -18.31 -9.14
CA LEU B 15 -8.97 -17.03 -9.79
C LEU B 15 -10.47 -16.79 -10.03
N LYS B 16 -11.22 -17.83 -10.39
CA LYS B 16 -12.68 -17.65 -10.58
C LYS B 16 -13.33 -17.25 -9.27
N ARG B 17 -12.85 -17.79 -8.15
CA ARG B 17 -13.37 -17.39 -6.85
C ARG B 17 -13.07 -15.91 -6.61
N ALA B 18 -11.87 -15.43 -6.96
CA ALA B 18 -11.56 -14.01 -6.78
C ALA B 18 -12.50 -13.13 -7.60
N VAL B 19 -12.80 -13.53 -8.83
CA VAL B 19 -13.73 -12.75 -9.65
C VAL B 19 -15.15 -12.75 -9.06
N THR B 20 -15.60 -13.89 -8.56
CA THR B 20 -16.93 -13.96 -7.92
C THR B 20 -16.98 -13.01 -6.73
N LEU B 21 -15.91 -13.02 -5.92
CA LEU B 21 -15.85 -12.12 -4.76
C LEU B 21 -15.92 -10.65 -5.18
N ALA B 22 -15.25 -10.32 -6.28
CA ALA B 22 -15.26 -8.94 -6.78
C ALA B 22 -16.67 -8.53 -7.12
N CYS B 23 -17.42 -9.39 -7.84
CA CYS B 23 -18.81 -9.06 -8.18
C CYS B 23 -19.70 -9.00 -6.93
N GLU B 24 -19.51 -9.93 -6.02
CA GLU B 24 -20.35 -9.95 -4.83
C GLU B 24 -20.11 -8.70 -3.98
N GLY B 25 -18.84 -8.25 -3.95
CA GLY B 25 -18.49 -7.07 -3.17
C GLY B 25 -19.24 -5.86 -3.66
N VAL B 26 -19.26 -5.71 -4.97
CA VAL B 26 -19.99 -4.61 -5.58
C VAL B 26 -21.48 -4.71 -5.27
N ASN B 27 -22.07 -5.89 -5.53
CA ASN B 27 -23.52 -6.04 -5.41
C ASN B 27 -24.06 -6.03 -4.01
N ALA B 28 -23.21 -6.27 -3.01
CA ALA B 28 -23.62 -6.17 -1.60
C ALA B 28 -23.32 -4.77 -1.04
N GLY B 29 -22.74 -3.89 -1.86
CA GLY B 29 -22.40 -2.55 -1.37
C GLY B 29 -21.17 -2.49 -0.48
N ILE B 30 -20.36 -3.55 -0.47
CA ILE B 30 -19.14 -3.59 0.34
C ILE B 30 -18.06 -2.65 -0.22
N GLY B 31 -17.90 -2.63 -1.53
CA GLY B 31 -16.90 -1.76 -2.08
C GLY B 31 -16.76 -1.94 -3.57
N GLY B 32 -15.55 -1.72 -4.09
CA GLY B 32 -15.24 -1.76 -5.49
C GLY B 32 -15.17 -3.15 -6.11
N PRO B 33 -15.07 -3.19 -7.44
CA PRO B 33 -15.04 -4.43 -8.24
C PRO B 33 -13.76 -5.22 -8.25
N PHE B 34 -13.32 -5.57 -7.05
CA PHE B 34 -12.05 -6.29 -6.88
C PHE B 34 -12.14 -7.30 -5.76
N GLY B 35 -11.57 -8.48 -6.04
CA GLY B 35 -11.56 -9.58 -5.07
C GLY B 35 -10.22 -10.29 -5.15
N ALA B 36 -9.85 -10.92 -4.05
CA ALA B 36 -8.56 -11.63 -3.99
C ALA B 36 -8.65 -12.83 -3.06
N VAL B 37 -7.83 -13.84 -3.32
CA VAL B 37 -7.79 -15.08 -2.53
C VAL B 37 -6.31 -15.42 -2.33
N ILE B 38 -5.93 -15.85 -1.13
CA ILE B 38 -4.55 -16.28 -0.86
C ILE B 38 -4.60 -17.75 -0.48
N VAL B 39 -3.79 -18.54 -1.16
CA VAL B 39 -3.74 -20.00 -1.00
C VAL B 39 -2.38 -20.52 -0.54
N LYS B 40 -2.42 -21.49 0.35
CA LYS B 40 -1.21 -22.18 0.80
C LYS B 40 -1.55 -23.64 0.97
N ASP B 41 -0.72 -24.51 0.41
CA ASP B 41 -0.93 -25.96 0.51
C ASP B 41 -2.31 -26.36 0.04
N GLY B 42 -2.79 -25.71 -1.01
CA GLY B 42 -4.09 -26.07 -1.59
C GLY B 42 -5.31 -25.60 -0.84
N ALA B 43 -5.11 -24.81 0.20
CA ALA B 43 -6.23 -24.31 0.99
C ALA B 43 -6.25 -22.78 0.98
N ILE B 44 -7.45 -22.23 0.87
CA ILE B 44 -7.59 -20.76 0.93
C ILE B 44 -7.42 -20.36 2.38
N ILE B 45 -6.44 -19.51 2.65
CA ILE B 45 -6.23 -19.06 3.99
C ILE B 45 -6.92 -17.73 4.26
N ALA B 46 -7.14 -16.90 3.22
CA ALA B 46 -7.87 -15.66 3.41
C ALA B 46 -8.39 -15.16 2.08
N GLU B 47 -9.45 -14.38 2.17
CA GLU B 47 -10.06 -13.73 1.01
C GLU B 47 -10.20 -12.25 1.32
N GLY B 48 -10.23 -11.44 0.28
CA GLY B 48 -10.48 -10.02 0.45
C GLY B 48 -11.31 -9.45 -0.67
N GLN B 49 -12.09 -8.43 -0.31
CA GLN B 49 -12.86 -7.66 -1.26
C GLN B 49 -12.51 -6.20 -1.03
N ASN B 50 -12.53 -5.39 -2.08
CA ASN B 50 -12.29 -3.98 -1.85
C ASN B 50 -13.35 -3.44 -0.90
N ASN B 51 -12.91 -2.69 0.12
CA ASN B 51 -13.84 -2.18 1.10
C ASN B 51 -13.46 -0.76 1.55
N VAL B 52 -12.89 -0.02 0.62
CA VAL B 52 -12.44 1.34 0.92
C VAL B 52 -13.50 2.25 1.54
N THR B 53 -14.65 2.35 0.88
CA THR B 53 -15.63 3.32 1.33
C THR B 53 -16.43 2.87 2.51
N THR B 54 -16.52 1.57 2.74
CA THR B 54 -17.29 1.13 3.89
C THR B 54 -16.41 1.05 5.14
N SER B 55 -15.09 1.09 4.97
CA SER B 55 -14.19 1.01 6.13
C SER B 55 -13.45 2.32 6.37
N ASN B 56 -13.71 3.33 5.55
CA ASN B 56 -12.99 4.60 5.64
C ASN B 56 -11.48 4.33 5.63
N ASP B 57 -11.07 3.58 4.61
CA ASP B 57 -9.66 3.20 4.53
C ASP B 57 -9.30 3.07 3.07
N PRO B 58 -8.61 4.08 2.51
CA PRO B 58 -8.23 4.04 1.10
C PRO B 58 -7.18 2.98 0.75
N THR B 59 -6.61 2.35 1.78
CA THR B 59 -5.67 1.27 1.52
C THR B 59 -6.37 -0.11 1.49
N ALA B 60 -7.68 -0.14 1.77
CA ALA B 60 -8.41 -1.41 1.86
C ALA B 60 -8.83 -2.01 0.51
N HIS B 61 -7.84 -2.14 -0.37
CA HIS B 61 -8.04 -2.82 -1.63
C HIS B 61 -8.17 -4.33 -1.36
N ALA B 62 -8.73 -5.07 -2.32
CA ALA B 62 -8.92 -6.50 -2.12
C ALA B 62 -7.61 -7.19 -1.75
N GLU B 63 -6.53 -6.88 -2.49
CA GLU B 63 -5.25 -7.58 -2.23
C GLU B 63 -4.72 -7.24 -0.84
N VAL B 64 -4.75 -5.96 -0.47
CA VAL B 64 -4.26 -5.56 0.84
C VAL B 64 -5.08 -6.23 1.93
N THR B 65 -6.40 -6.24 1.76
CA THR B 65 -7.25 -6.86 2.78
C THR B 65 -6.94 -8.36 2.90
N ALA B 66 -6.78 -9.03 1.77
CA ALA B 66 -6.49 -10.46 1.83
C ALA B 66 -5.11 -10.69 2.48
N ILE B 67 -4.11 -9.86 2.17
CA ILE B 67 -2.78 -10.03 2.75
C ILE B 67 -2.85 -9.84 4.26
N ARG B 68 -3.53 -8.79 4.71
CA ARG B 68 -3.65 -8.53 6.15
C ARG B 68 -4.32 -9.70 6.85
N LYS B 69 -5.41 -10.21 6.26
CA LYS B 69 -6.10 -11.28 6.91
C LYS B 69 -5.27 -12.56 6.91
N ALA B 70 -4.59 -12.87 5.81
CA ALA B 70 -3.78 -14.07 5.78
C ALA B 70 -2.63 -14.00 6.80
N CYS B 71 -1.99 -12.84 6.91
CA CYS B 71 -0.91 -12.69 7.87
C CYS B 71 -1.41 -12.86 9.30
N LYS B 72 -2.61 -12.39 9.60
CA LYS B 72 -3.16 -12.59 10.95
C LYS B 72 -3.42 -14.08 11.21
N VAL B 73 -3.93 -14.82 10.22
CA VAL B 73 -4.21 -16.25 10.42
C VAL B 73 -2.89 -16.99 10.63
N LEU B 74 -1.87 -16.61 9.87
CA LEU B 74 -0.57 -17.25 9.96
C LEU B 74 0.28 -16.78 11.12
N GLY B 75 -0.12 -15.72 11.77
CA GLY B 75 0.66 -15.15 12.87
C GLY B 75 2.06 -14.79 12.34
N ALA B 76 2.14 -14.14 11.16
CA ALA B 76 3.42 -13.83 10.53
C ALA B 76 3.29 -12.53 9.76
N TYR B 77 4.42 -12.00 9.31
CA TYR B 77 4.38 -10.80 8.48
C TYR B 77 4.87 -11.08 7.08
N GLN B 78 4.97 -12.36 6.73
CA GLN B 78 5.37 -12.80 5.40
C GLN B 78 4.41 -13.90 4.97
N LEU B 79 4.24 -14.05 3.66
CA LEU B 79 3.34 -15.06 3.09
C LEU B 79 4.14 -16.17 2.43
N ASP B 80 4.99 -16.79 3.25
CA ASP B 80 5.84 -17.88 2.81
C ASP B 80 5.00 -18.97 2.17
N ASP B 81 5.41 -19.37 0.98
CA ASP B 81 4.80 -20.47 0.26
C ASP B 81 3.36 -20.23 -0.17
N CYS B 82 2.92 -18.98 -0.18
CA CYS B 82 1.55 -18.67 -0.57
C CYS B 82 1.49 -18.17 -1.99
N ILE B 83 0.30 -18.35 -2.59
CA ILE B 83 0.03 -17.79 -3.93
C ILE B 83 -1.16 -16.84 -3.79
N LEU B 84 -1.06 -15.67 -4.38
CA LEU B 84 -2.15 -14.70 -4.37
C LEU B 84 -2.86 -14.70 -5.73
N TYR B 85 -4.19 -14.83 -5.69
CA TYR B 85 -5.05 -14.78 -6.89
C TYR B 85 -5.90 -13.53 -6.79
N THR B 86 -5.85 -12.68 -7.82
CA THR B 86 -6.58 -11.43 -7.78
C THR B 86 -7.42 -11.19 -9.04
N SER B 87 -8.62 -10.64 -8.88
CA SER B 87 -9.50 -10.46 -10.02
C SER B 87 -8.95 -9.49 -11.06
N CYS B 88 -8.08 -8.58 -10.62
CA CYS B 88 -7.48 -7.62 -11.54
C CYS B 88 -6.01 -7.46 -11.16
N GLU B 89 -5.21 -7.18 -12.18
CA GLU B 89 -3.79 -6.87 -12.01
C GLU B 89 -3.64 -5.89 -10.86
N PRO B 90 -2.72 -6.14 -9.93
CA PRO B 90 -2.57 -5.21 -8.81
C PRO B 90 -2.18 -3.80 -9.23
N CYS B 91 -2.79 -2.81 -8.56
CA CYS B 91 -2.41 -1.42 -8.76
C CYS B 91 -1.02 -1.21 -8.10
N PRO B 92 -0.42 -0.01 -8.20
CA PRO B 92 0.92 0.17 -7.59
C PRO B 92 0.96 -0.07 -6.09
N MET B 93 -0.08 0.34 -5.38
CA MET B 93 -0.10 0.11 -3.94
C MET B 93 -0.07 -1.39 -3.65
N CYS B 94 -0.91 -2.14 -4.35
CA CYS B 94 -1.01 -3.57 -4.11
C CYS B 94 0.20 -4.34 -4.65
N LEU B 95 0.78 -3.89 -5.74
CA LEU B 95 2.04 -4.52 -6.21
C LEU B 95 3.09 -4.33 -5.11
N GLY B 96 3.18 -3.13 -4.55
CA GLY B 96 4.11 -2.90 -3.46
C GLY B 96 3.82 -3.82 -2.28
N ALA B 97 2.55 -3.90 -1.87
CA ALA B 97 2.19 -4.74 -0.75
C ALA B 97 2.61 -6.19 -1.00
N ILE B 98 2.43 -6.67 -2.22
CA ILE B 98 2.85 -8.04 -2.59
C ILE B 98 4.35 -8.19 -2.40
N TYR B 99 5.13 -7.21 -2.84
CA TYR B 99 6.57 -7.29 -2.67
C TYR B 99 7.01 -7.20 -1.21
N TRP B 100 6.23 -6.56 -0.35
CA TRP B 100 6.58 -6.54 1.07
C TRP B 100 6.14 -7.82 1.76
N ALA B 101 5.06 -8.44 1.27
CA ALA B 101 4.53 -9.65 1.90
C ALA B 101 5.24 -10.92 1.45
N ARG B 102 5.75 -10.89 0.23
CA ARG B 102 6.50 -11.97 -0.36
C ARG B 102 5.87 -13.35 -0.59
N PRO B 103 4.69 -13.38 -1.22
CA PRO B 103 4.09 -14.69 -1.56
C PRO B 103 5.02 -15.18 -2.71
N LYS B 104 4.86 -16.42 -3.15
CA LYS B 104 5.75 -16.91 -4.20
C LYS B 104 5.35 -16.57 -5.62
N ALA B 105 4.06 -16.26 -5.83
CA ALA B 105 3.57 -15.94 -7.17
C ALA B 105 2.22 -15.25 -7.06
N VAL B 106 1.87 -14.57 -8.13
CA VAL B 106 0.60 -13.87 -8.24
C VAL B 106 -0.07 -14.25 -9.56
N PHE B 107 -1.38 -14.52 -9.51
CA PHE B 107 -2.14 -14.81 -10.73
C PHE B 107 -3.26 -13.76 -10.76
N TYR B 108 -3.53 -13.20 -11.94
CA TYR B 108 -4.58 -12.18 -12.06
C TYR B 108 -5.34 -12.38 -13.36
N ALA B 109 -6.57 -11.89 -13.40
CA ALA B 109 -7.41 -12.03 -14.59
C ALA B 109 -7.43 -10.75 -15.43
N ALA B 110 -8.18 -9.74 -15.00
CA ALA B 110 -8.26 -8.48 -15.71
C ALA B 110 -6.97 -7.68 -15.56
N GLU B 111 -6.80 -6.67 -16.40
CA GLU B 111 -5.59 -5.85 -16.42
C GLU B 111 -5.80 -4.45 -15.94
N HIS B 112 -4.71 -3.75 -15.64
CA HIS B 112 -4.87 -2.38 -15.12
C HIS B 112 -5.72 -1.54 -16.05
N THR B 113 -5.66 -1.79 -17.36
CA THR B 113 -6.47 -0.99 -18.28
C THR B 113 -7.95 -1.22 -18.07
N ASP B 114 -8.37 -2.42 -17.65
CA ASP B 114 -9.78 -2.66 -17.38
C ASP B 114 -10.20 -1.85 -16.17
N ALA B 115 -9.35 -1.75 -15.14
CA ALA B 115 -9.69 -0.94 -13.99
C ALA B 115 -9.78 0.55 -14.39
N ALA B 116 -8.82 0.99 -15.19
CA ALA B 116 -8.83 2.39 -15.65
C ALA B 116 -10.11 2.68 -16.46
N GLU B 117 -10.50 1.73 -17.31
CA GLU B 117 -11.72 1.92 -18.13
C GLU B 117 -12.98 1.98 -17.26
N ALA B 118 -12.92 1.39 -16.06
CA ALA B 118 -14.03 1.45 -15.14
C ALA B 118 -14.02 2.73 -14.27
N GLY B 119 -13.05 3.60 -14.52
CA GLY B 119 -12.97 4.87 -13.82
C GLY B 119 -11.98 4.97 -12.68
N PHE B 120 -11.17 3.94 -12.47
CA PHE B 120 -10.21 3.94 -11.38
C PHE B 120 -8.85 4.47 -11.78
N ASP B 121 -8.10 4.94 -10.79
CA ASP B 121 -6.80 5.51 -11.03
C ASP B 121 -5.64 4.55 -11.21
N ASP B 122 -5.87 3.23 -11.34
CA ASP B 122 -4.74 2.30 -11.44
C ASP B 122 -3.67 2.68 -12.45
N SER B 123 -4.09 2.90 -13.70
CA SER B 123 -3.12 3.27 -14.73
C SER B 123 -2.45 4.62 -14.49
N PHE B 124 -3.25 5.57 -14.07
CA PHE B 124 -2.76 6.92 -13.77
C PHE B 124 -1.62 6.85 -12.74
N ILE B 125 -1.81 6.08 -11.66
CA ILE B 125 -0.76 6.00 -10.64
C ILE B 125 0.53 5.39 -11.18
N TYR B 126 0.44 4.34 -12.00
CA TYR B 126 1.62 3.78 -12.61
C TYR B 126 2.35 4.86 -13.40
N LYS B 127 1.60 5.69 -14.12
CA LYS B 127 2.23 6.75 -14.91
C LYS B 127 2.82 7.85 -14.02
N GLU B 128 2.18 8.15 -12.90
CA GLU B 128 2.70 9.18 -12.01
C GLU B 128 4.07 8.80 -11.43
N ILE B 129 4.33 7.51 -11.26
CA ILE B 129 5.63 7.11 -10.72
C ILE B 129 6.76 7.61 -11.60
N ASP B 130 6.55 7.56 -12.91
CA ASP B 130 7.60 7.97 -13.84
C ASP B 130 7.76 9.47 -14.01
N LYS B 131 6.81 10.25 -13.51
CA LYS B 131 6.93 11.71 -13.59
C LYS B 131 7.93 12.21 -12.55
N PRO B 132 8.59 13.35 -12.82
CA PRO B 132 9.55 13.90 -11.86
C PRO B 132 8.73 14.18 -10.60
N ALA B 133 9.34 13.92 -9.45
CA ALA B 133 8.67 14.08 -8.15
C ALA B 133 7.82 15.33 -7.96
N GLU B 134 8.37 16.52 -8.25
CA GLU B 134 7.63 17.76 -8.03
C GLU B 134 6.60 18.10 -9.08
N GLU B 135 6.63 17.39 -10.21
CA GLU B 135 5.65 17.62 -11.27
C GLU B 135 4.46 16.66 -11.16
N ARG B 136 4.50 15.76 -10.18
CA ARG B 136 3.40 14.80 -9.94
C ARG B 136 2.17 15.58 -9.54
N THR B 137 0.98 15.09 -9.89
CA THR B 137 -0.28 15.71 -9.54
C THR B 137 -0.35 15.94 -8.03
N ILE B 138 0.19 14.98 -7.25
CA ILE B 138 0.36 15.14 -5.79
C ILE B 138 1.87 15.33 -5.75
N PRO B 139 2.36 16.57 -5.60
CA PRO B 139 3.81 16.78 -5.61
C PRO B 139 4.52 16.17 -4.43
N PHE B 140 5.69 15.63 -4.72
CA PHE B 140 6.55 15.00 -3.69
C PHE B 140 7.82 15.86 -3.58
N TYR B 141 8.04 16.48 -2.42
CA TYR B 141 9.18 17.38 -2.20
C TYR B 141 10.17 16.81 -1.24
N GLN B 142 11.43 16.77 -1.67
CA GLN B 142 12.50 16.31 -0.80
C GLN B 142 13.04 17.52 -0.06
N VAL B 143 13.26 17.37 1.23
CA VAL B 143 13.79 18.44 2.07
C VAL B 143 15.01 17.87 2.82
N THR B 144 16.11 18.62 2.78
CA THR B 144 17.34 18.17 3.43
C THR B 144 17.32 18.41 4.95
N LEU B 145 17.43 17.33 5.71
CA LEU B 145 17.50 17.39 7.17
C LEU B 145 18.84 16.76 7.55
N THR B 146 19.62 17.46 8.38
CA THR B 146 20.94 16.93 8.76
C THR B 146 20.83 15.56 9.43
N GLU B 147 19.73 15.31 10.15
CA GLU B 147 19.56 14.01 10.83
C GLU B 147 18.73 13.00 10.02
N HIS B 148 18.67 13.15 8.71
CA HIS B 148 17.84 12.25 7.93
C HIS B 148 18.29 10.78 7.97
N LEU B 149 19.53 10.48 8.35
CA LEU B 149 19.97 9.09 8.44
C LEU B 149 19.89 8.56 9.85
N SER B 150 19.53 9.40 10.81
CA SER B 150 19.47 8.96 12.20
C SER B 150 18.58 7.72 12.43
N PRO B 151 17.44 7.56 11.73
CA PRO B 151 16.64 6.36 12.00
C PRO B 151 17.40 5.09 11.61
N PHE B 152 18.20 5.19 10.54
CA PHE B 152 18.96 4.02 10.06
C PHE B 152 20.07 3.67 11.02
N GLN B 153 20.65 4.68 11.66
CA GLN B 153 21.67 4.42 12.67
C GLN B 153 20.99 3.74 13.86
N ALA B 154 19.81 4.22 14.26
CA ALA B 154 19.09 3.57 15.36
C ALA B 154 18.84 2.10 14.98
N TRP B 155 18.38 1.85 13.75
CA TRP B 155 18.11 0.48 13.31
C TRP B 155 19.36 -0.39 13.39
N ARG B 156 20.46 0.09 12.86
CA ARG B 156 21.71 -0.71 12.91
C ARG B 156 22.04 -1.09 14.34
N ASN B 157 21.86 -0.16 15.28
CA ASN B 157 22.20 -0.38 16.69
C ASN B 157 21.13 -1.07 17.51
N PHE B 158 20.00 -1.41 16.92
CA PHE B 158 18.90 -2.02 17.68
C PHE B 158 19.04 -3.53 17.60
N ALA B 159 19.57 -4.08 18.69
CA ALA B 159 19.92 -5.50 18.70
C ALA B 159 18.77 -6.44 18.47
N ASN B 160 17.60 -6.13 19.00
CA ASN B 160 16.44 -7.01 18.91
C ASN B 160 15.56 -6.76 17.69
N LYS B 161 16.13 -6.17 16.64
CA LYS B 161 15.32 -5.91 15.46
C LYS B 161 14.82 -7.17 14.78
N LYS B 162 13.72 -7.01 14.06
CA LYS B 162 13.20 -8.10 13.22
C LYS B 162 13.19 -7.54 11.79
N GLU B 163 14.01 -8.15 10.92
CA GLU B 163 14.11 -7.68 9.52
C GLU B 163 12.84 -7.97 8.75
N TYR B 164 12.55 -7.14 7.75
CA TYR B 164 11.34 -7.32 6.93
C TYR B 164 11.57 -6.68 5.54
ZN ZN C . 6.21 2.16 2.25
N1 IMD D . 9.60 0.18 5.59
C2 IMD D . 10.48 -0.33 4.67
N3 IMD D . 10.65 0.56 3.68
C4 IMD D . 9.89 1.62 3.94
C5 IMD D . 9.23 1.41 5.12
ZN ZN E . -4.72 -2.03 -5.28
N1 IMD F . -9.50 -0.66 -6.17
C2 IMD F . -9.28 0.31 -7.10
N3 IMD F . -8.32 -0.13 -7.95
C4 IMD F . -7.95 -1.35 -7.58
C5 IMD F . -8.69 -1.69 -6.46
#